data_7WSZ
#
_entry.id   7WSZ
#
_cell.length_a   85.225
_cell.length_b   96.995
_cell.length_c   46.264
_cell.angle_alpha   90.00
_cell.angle_beta   90.00
_cell.angle_gamma   90.00
#
_symmetry.space_group_name_H-M   'P 21 21 21'
#
loop_
_entity.id
_entity.type
_entity.pdbx_description
1 polymer 'Lactoylglutathione lyase'
2 non-polymer 'ZINC ION'
3 non-polymer GLYCEROL
4 non-polymer 'BORIC ACID'
5 non-polymer IMIDAZOLE
6 non-polymer BETA-MERCAPTOETHANOL
7 water water
#
_entity_poly.entity_id   1
_entity_poly.type   'polypeptide(L)'
_entity_poly.pdbx_seq_one_letter_code
;MAEPQPPSGGLTDEAALSCCSDADPSTKDFLLQQTMLRVKDPKKSLDFYTRVLGMTLIQKCDFPIMKFSLYFLAYEDKND
IPKEKDEKIAWALSRKATLELTHNWGTEDDETQSYHNGNSDPRGFGHIGIAVPDVYSACKRFEELGVKFVKKPDDGKMKG
LAFIQDPDGYWIEILNPNKMATLMLEHHHHHH
;
_entity_poly.pdbx_strand_id   A,B
#
loop_
_chem_comp.id
_chem_comp.type
_chem_comp.name
_chem_comp.formula
BME non-polymer BETA-MERCAPTOETHANOL 'C2 H6 O S'
BO3 non-polymer 'BORIC ACID' 'B H3 O3'
GOL non-polymer GLYCEROL 'C3 H8 O3'
IMD non-polymer IMIDAZOLE 'C3 H5 N2 1'
ZN non-polymer 'ZINC ION' 'Zn 2'
#
# COMPACT_ATOMS: atom_id res chain seq x y z
N GLY A 9 14.06 -1.88 -23.72
CA GLY A 9 13.21 -0.91 -23.01
C GLY A 9 13.56 -0.90 -21.53
N GLY A 10 12.89 -0.13 -20.72
CA GLY A 10 13.28 -0.10 -19.32
C GLY A 10 14.56 0.70 -19.08
N LEU A 11 14.64 1.28 -17.90
CA LEU A 11 15.79 2.08 -17.47
C LEU A 11 16.94 1.17 -17.03
N THR A 12 18.16 1.60 -17.32
CA THR A 12 19.36 0.98 -16.70
C THR A 12 19.36 1.35 -15.23
N ASP A 13 20.10 0.62 -14.43
CA ASP A 13 20.31 1.00 -13.02
C ASP A 13 20.82 2.43 -12.95
N GLU A 14 21.79 2.81 -13.79
CA GLU A 14 22.39 4.16 -13.73
C GLU A 14 21.33 5.20 -14.09
N ALA A 15 20.52 4.91 -15.11
CA ALA A 15 19.53 5.90 -15.57
C ALA A 15 18.48 6.09 -14.46
N ALA A 16 18.04 5.00 -13.86
CA ALA A 16 17.03 5.09 -12.77
C ALA A 16 17.61 5.92 -11.62
N LEU A 17 18.82 5.62 -11.17
CA LEU A 17 19.43 6.34 -10.03
C LEU A 17 19.52 7.84 -10.37
N SER A 18 19.85 8.16 -11.63
CA SER A 18 20.05 9.56 -12.06
C SER A 18 18.73 10.31 -12.01
N CYS A 19 17.59 9.62 -12.10
CA CYS A 19 16.23 10.25 -12.02
C CYS A 19 15.78 10.50 -10.58
N CYS A 20 16.55 10.02 -9.60
CA CYS A 20 16.27 10.19 -8.18
C CYS A 20 16.97 11.43 -7.66
N SER A 21 16.37 12.07 -6.69
CA SER A 21 17.03 13.14 -5.92
C SER A 21 17.12 12.78 -4.45
N ASP A 22 18.12 13.31 -3.77
CA ASP A 22 18.23 13.06 -2.31
C ASP A 22 17.03 13.70 -1.62
N ALA A 23 16.58 13.10 -0.53
CA ALA A 23 15.38 13.55 0.20
C ALA A 23 15.61 14.96 0.81
N ASP A 24 14.71 15.90 0.52
CA ASP A 24 14.72 17.27 1.08
C ASP A 24 14.54 17.20 2.61
N PRO A 25 15.31 17.96 3.43
CA PRO A 25 15.14 17.89 4.88
C PRO A 25 13.73 18.19 5.37
N SER A 26 12.91 18.88 4.60
CA SER A 26 11.54 19.23 5.03
C SER A 26 10.66 17.98 5.01
N THR A 27 11.11 16.90 4.39
CA THR A 27 10.33 15.63 4.31
C THR A 27 10.80 14.57 5.31
N LYS A 28 11.75 14.89 6.20
CA LYS A 28 12.47 13.84 6.96
C LYS A 28 11.61 13.17 8.02
N ASP A 29 10.45 13.72 8.33
CA ASP A 29 9.53 13.13 9.32
C ASP A 29 8.26 12.62 8.65
N PHE A 30 8.22 12.59 7.32
CA PHE A 30 7.07 12.03 6.61
C PHE A 30 7.06 10.49 6.81
N LEU A 31 5.88 9.89 6.85
CA LEU A 31 5.82 8.40 6.82
C LEU A 31 4.68 7.92 5.95
N LEU A 32 4.87 6.74 5.38
CA LEU A 32 3.86 6.12 4.52
C LEU A 32 2.88 5.41 5.45
N GLN A 33 1.75 6.05 5.69
CA GLN A 33 0.86 5.72 6.81
C GLN A 33 -0.22 4.73 6.39
N GLN A 34 -0.75 4.84 5.18
CA GLN A 34 -1.95 4.04 4.84
C GLN A 34 -2.03 3.72 3.37
N THR A 35 -2.70 2.60 3.11
CA THR A 35 -3.24 2.24 1.79
C THR A 35 -4.75 2.07 1.97
N MET A 36 -5.54 2.73 1.14
CA MET A 36 -7.00 2.68 1.27
C MET A 36 -7.61 1.77 0.20
N LEU A 37 -8.43 0.83 0.66
CA LEU A 37 -9.19 -0.12 -0.20
C LEU A 37 -10.66 0.00 0.20
N ARG A 38 -11.54 0.03 -0.79
CA ARG A 38 -12.98 -0.05 -0.53
C ARG A 38 -13.39 -1.51 -0.33
N VAL A 39 -14.23 -1.77 0.66
CA VAL A 39 -14.63 -3.18 0.98
C VAL A 39 -16.16 -3.27 0.95
N LYS A 40 -16.65 -4.30 0.30
CA LYS A 40 -18.10 -4.55 0.15
C LYS A 40 -18.74 -4.85 1.51
N ASP A 41 -18.08 -5.69 2.32
CA ASP A 41 -18.71 -6.33 3.49
C ASP A 41 -17.70 -6.28 4.62
N PRO A 42 -17.82 -5.32 5.54
CA PRO A 42 -16.79 -5.12 6.56
C PRO A 42 -16.65 -6.32 7.51
N LYS A 43 -17.74 -7.04 7.74
CA LYS A 43 -17.62 -8.20 8.64
C LYS A 43 -16.70 -9.24 8.03
N LYS A 44 -16.83 -9.51 6.75
CA LYS A 44 -15.95 -10.52 6.07
C LYS A 44 -14.51 -9.97 6.07
N SER A 45 -14.37 -8.68 5.79
CA SER A 45 -13.01 -8.07 5.71
C SER A 45 -12.33 -8.09 7.09
N LEU A 46 -13.07 -7.77 8.15
CA LEU A 46 -12.46 -7.77 9.50
C LEU A 46 -12.05 -9.18 9.92
N ASP A 47 -12.88 -10.17 9.67
CA ASP A 47 -12.51 -11.57 10.01
C ASP A 47 -11.26 -11.94 9.23
N PHE A 48 -11.21 -11.62 7.95
CA PHE A 48 -10.07 -11.97 7.09
C PHE A 48 -8.78 -11.29 7.61
N TYR A 49 -8.80 -9.99 7.76
CA TYR A 49 -7.54 -9.27 8.05
C TYR A 49 -7.09 -9.55 9.47
N THR A 50 -8.02 -9.72 10.43
CA THR A 50 -7.63 -9.97 11.84
C THR A 50 -7.27 -11.45 12.01
N ARG A 51 -8.16 -12.34 11.63
CA ARG A 51 -7.97 -13.78 11.95
C ARG A 51 -6.99 -14.42 10.99
N VAL A 52 -7.20 -14.24 9.69
CA VAL A 52 -6.36 -14.95 8.70
C VAL A 52 -5.00 -14.28 8.63
N LEU A 53 -4.95 -12.96 8.52
CA LEU A 53 -3.63 -12.29 8.36
C LEU A 53 -3.04 -11.79 9.68
N GLY A 54 -3.76 -11.79 10.79
CA GLY A 54 -3.18 -11.42 12.09
C GLY A 54 -2.98 -9.93 12.32
N MET A 55 -3.69 -9.10 11.58
CA MET A 55 -3.68 -7.64 11.84
C MET A 55 -4.63 -7.33 13.00
N THR A 56 -4.49 -6.13 13.52
CA THR A 56 -5.30 -5.56 14.63
C THR A 56 -6.14 -4.42 14.08
N LEU A 57 -7.42 -4.39 14.48
CA LEU A 57 -8.27 -3.20 14.25
C LEU A 57 -7.89 -2.13 15.27
N ILE A 58 -7.30 -1.04 14.80
CA ILE A 58 -6.74 0.00 15.70
C ILE A 58 -7.66 1.21 15.75
N GLN A 59 -8.58 1.37 14.80
CA GLN A 59 -9.48 2.57 14.82
C GLN A 59 -10.64 2.32 13.90
N LYS A 60 -11.85 2.69 14.34
CA LYS A 60 -13.06 2.66 13.51
C LYS A 60 -13.67 4.04 13.51
N CYS A 61 -13.99 4.56 12.34
CA CYS A 61 -14.61 5.92 12.24
C CYS A 61 -15.91 5.79 11.47
N ASP A 62 -16.98 6.45 11.91
CA ASP A 62 -18.28 6.38 11.21
C ASP A 62 -18.71 7.78 10.82
N PHE A 63 -19.23 7.91 9.61
CA PHE A 63 -19.66 9.19 9.00
C PHE A 63 -21.13 9.03 8.61
N PRO A 64 -22.05 9.27 9.58
CA PRO A 64 -23.46 8.98 9.37
C PRO A 64 -24.14 9.80 8.27
N ILE A 65 -23.65 11.02 7.99
CA ILE A 65 -24.26 11.88 6.94
C ILE A 65 -23.81 11.39 5.56
N MET A 66 -22.52 11.08 5.41
CA MET A 66 -21.91 10.62 4.14
C MET A 66 -22.09 9.10 3.94
N LYS A 67 -22.58 8.37 4.95
CA LYS A 67 -22.95 6.93 4.91
C LYS A 67 -21.71 6.09 4.54
N PHE A 68 -20.61 6.30 5.25
CA PHE A 68 -19.47 5.35 5.16
C PHE A 68 -18.78 5.24 6.52
N SER A 69 -18.00 4.15 6.65
CA SER A 69 -17.13 3.90 7.81
C SER A 69 -15.72 3.66 7.30
N LEU A 70 -14.75 3.92 8.16
CA LEU A 70 -13.32 3.61 7.94
C LEU A 70 -12.88 2.64 9.02
N TYR A 71 -12.15 1.62 8.62
CA TYR A 71 -11.53 0.65 9.52
C TYR A 71 -10.03 0.71 9.28
N PHE A 72 -9.25 0.99 10.31
CA PHE A 72 -7.77 1.00 10.18
C PHE A 72 -7.24 -0.29 10.78
N LEU A 73 -6.51 -1.05 9.96
CA LEU A 73 -5.94 -2.36 10.32
C LEU A 73 -4.42 -2.18 10.30
N ALA A 74 -3.71 -2.76 11.25
CA ALA A 74 -2.24 -2.68 11.30
C ALA A 74 -1.67 -3.85 12.08
N TYR A 75 -0.39 -4.12 11.85
CA TYR A 75 0.37 -5.07 12.71
C TYR A 75 0.87 -4.32 13.94
N GLU A 76 0.01 -4.27 14.94
CA GLU A 76 0.26 -3.57 16.22
C GLU A 76 -0.24 -4.45 17.36
N ASP A 77 0.38 -4.32 18.49
CA ASP A 77 -0.06 -5.01 19.71
C ASP A 77 -1.25 -4.26 20.27
N LYS A 78 -2.39 -4.95 20.47
CA LYS A 78 -3.62 -4.28 20.94
C LYS A 78 -3.38 -3.58 22.28
N ASN A 79 -2.38 -4.02 23.03
CA ASN A 79 -2.11 -3.45 24.38
C ASN A 79 -1.49 -2.05 24.21
N ASP A 80 -1.07 -1.68 22.98
CA ASP A 80 -0.45 -0.36 22.71
C ASP A 80 -1.53 0.67 22.34
N ILE A 81 -2.76 0.25 22.09
CA ILE A 81 -3.86 1.14 21.64
C ILE A 81 -4.25 2.02 22.84
N PRO A 82 -4.12 3.37 22.76
CA PRO A 82 -4.60 4.19 23.87
C PRO A 82 -6.10 3.98 24.09
N LYS A 83 -6.56 4.15 25.33
CA LYS A 83 -8.00 4.08 25.68
C LYS A 83 -8.70 5.41 25.39
N GLU A 84 -8.02 6.55 25.56
CA GLU A 84 -8.70 7.85 25.38
C GLU A 84 -8.88 8.15 23.90
N LYS A 85 -10.06 8.58 23.48
CA LYS A 85 -10.47 8.60 22.04
C LYS A 85 -9.55 9.49 21.20
N ASP A 86 -9.24 10.70 21.66
CA ASP A 86 -8.41 11.61 20.84
C ASP A 86 -6.95 11.11 20.78
N GLU A 87 -6.39 10.63 21.87
CA GLU A 87 -5.04 10.03 21.85
C GLU A 87 -5.00 8.79 20.94
N LYS A 88 -6.06 8.02 20.95
CA LYS A 88 -6.14 6.78 20.15
C LYS A 88 -6.11 7.12 18.64
N ILE A 89 -6.87 8.12 18.22
CA ILE A 89 -6.89 8.52 16.76
C ILE A 89 -5.48 9.02 16.40
N ALA A 90 -4.85 9.85 17.23
CA ALA A 90 -3.49 10.37 16.93
C ALA A 90 -2.47 9.23 16.84
N TRP A 91 -2.60 8.23 17.71
CA TRP A 91 -1.74 7.04 17.68
C TRP A 91 -2.03 6.24 16.40
N ALA A 92 -3.28 5.93 16.15
CA ALA A 92 -3.61 5.04 15.02
C ALA A 92 -3.12 5.66 13.70
N LEU A 93 -3.35 6.96 13.55
CA LEU A 93 -3.07 7.65 12.25
C LEU A 93 -1.60 8.06 12.16
N SER A 94 -0.76 7.74 13.15
CA SER A 94 0.71 7.94 13.10
C SER A 94 1.44 6.61 13.00
N ARG A 95 0.71 5.48 12.89
CA ARG A 95 1.35 4.19 12.62
C ARG A 95 1.78 4.15 11.16
N LYS A 96 2.97 3.62 10.87
CA LYS A 96 3.36 3.24 9.50
C LYS A 96 2.56 2.02 9.07
N ALA A 97 2.34 1.88 7.77
CA ALA A 97 1.94 0.59 7.16
C ALA A 97 0.57 0.17 7.66
N THR A 98 -0.42 1.03 7.62
CA THR A 98 -1.80 0.64 7.94
C THR A 98 -2.61 0.41 6.67
N LEU A 99 -3.69 -0.36 6.82
CA LEU A 99 -4.71 -0.50 5.76
C LEU A 99 -5.93 0.27 6.22
N GLU A 100 -6.44 1.13 5.37
CA GLU A 100 -7.67 1.88 5.64
C GLU A 100 -8.78 1.25 4.79
N LEU A 101 -9.70 0.53 5.43
CA LEU A 101 -10.77 -0.10 4.63
C LEU A 101 -11.98 0.83 4.70
N THR A 102 -12.51 1.18 3.53
CA THR A 102 -13.68 2.09 3.42
C THR A 102 -14.92 1.25 3.11
N HIS A 103 -15.89 1.27 4.01
CA HIS A 103 -17.20 0.65 3.84
C HIS A 103 -18.23 1.71 3.48
N ASN A 104 -18.70 1.68 2.24
CA ASN A 104 -19.84 2.52 1.79
C ASN A 104 -21.11 1.76 2.19
N TRP A 105 -21.92 2.34 3.09
CA TRP A 105 -23.02 1.57 3.70
C TRP A 105 -23.95 1.05 2.62
N GLY A 106 -24.43 -0.19 2.78
CA GLY A 106 -25.42 -0.82 1.89
C GLY A 106 -24.80 -1.73 0.85
N THR A 107 -23.47 -1.64 0.56
CA THR A 107 -22.86 -2.50 -0.47
C THR A 107 -23.05 -3.97 -0.11
N GLU A 108 -23.05 -4.32 1.18
CA GLU A 108 -22.99 -5.72 1.63
C GLU A 108 -24.30 -6.43 1.25
N ASP A 109 -25.36 -5.66 1.00
CA ASP A 109 -26.71 -6.22 0.69
C ASP A 109 -27.04 -6.10 -0.80
N ASP A 110 -26.11 -5.60 -1.62
CA ASP A 110 -26.35 -5.29 -3.06
C ASP A 110 -25.71 -6.42 -3.88
N GLU A 111 -26.52 -7.38 -4.34
CA GLU A 111 -26.03 -8.62 -4.99
C GLU A 111 -25.26 -8.26 -6.27
N THR A 112 -25.55 -7.10 -6.88
CA THR A 112 -24.97 -6.67 -8.18
C THR A 112 -23.67 -5.88 -7.98
N GLN A 113 -23.26 -5.62 -6.74
CA GLN A 113 -22.14 -4.66 -6.45
C GLN A 113 -20.87 -5.45 -6.17
N SER A 114 -19.75 -5.00 -6.73
CA SER A 114 -18.42 -5.50 -6.35
C SER A 114 -17.40 -4.44 -6.71
N TYR A 115 -16.31 -4.38 -5.95
CA TYR A 115 -15.20 -3.49 -6.28
C TYR A 115 -14.28 -4.19 -7.26
N HIS A 116 -13.43 -3.39 -7.89
CA HIS A 116 -12.47 -3.81 -8.93
C HIS A 116 -11.07 -3.89 -8.31
N ASN A 117 -10.39 -4.98 -8.56
CA ASN A 117 -9.09 -5.24 -7.88
C ASN A 117 -7.91 -4.64 -8.63
N GLY A 118 -8.08 -3.97 -9.78
CA GLY A 118 -6.98 -3.34 -10.49
C GLY A 118 -6.19 -4.27 -11.40
N ASN A 119 -6.49 -5.58 -11.46
CA ASN A 119 -5.63 -6.57 -12.16
C ASN A 119 -6.24 -7.00 -13.50
N SER A 120 -7.37 -6.42 -13.84
CA SER A 120 -7.93 -6.54 -15.20
C SER A 120 -8.33 -5.15 -15.66
N ASP A 121 -8.58 -4.97 -16.96
CA ASP A 121 -8.82 -3.62 -17.49
C ASP A 121 -10.00 -2.98 -16.76
N PRO A 122 -9.92 -1.72 -16.27
CA PRO A 122 -8.73 -0.89 -16.39
C PRO A 122 -7.79 -1.08 -15.19
N ARG A 123 -6.51 -1.29 -15.49
CA ARG A 123 -5.54 -1.63 -14.42
C ARG A 123 -4.96 -0.36 -13.79
N GLY A 124 -4.47 -0.53 -12.56
CA GLY A 124 -3.69 0.53 -11.90
C GLY A 124 -3.03 -0.09 -10.69
N PHE A 125 -3.65 0.09 -9.54
CA PHE A 125 -3.25 -0.65 -8.32
C PHE A 125 -3.20 -2.14 -8.65
N GLY A 126 -2.24 -2.85 -8.07
CA GLY A 126 -2.11 -4.31 -8.24
C GLY A 126 -2.38 -5.08 -6.99
N HIS A 127 -1.72 -4.74 -5.89
CA HIS A 127 -1.80 -5.64 -4.70
C HIS A 127 -1.21 -4.92 -3.51
N ILE A 128 -1.52 -5.44 -2.33
CA ILE A 128 -0.67 -5.21 -1.14
C ILE A 128 0.17 -6.46 -0.96
N GLY A 129 1.16 -6.41 -0.10
CA GLY A 129 2.01 -7.58 0.14
C GLY A 129 2.43 -7.66 1.60
N ILE A 130 2.44 -8.88 2.10
CA ILE A 130 2.80 -9.23 3.48
C ILE A 130 4.12 -9.98 3.45
N ALA A 131 5.10 -9.53 4.21
CA ALA A 131 6.35 -10.28 4.42
C ALA A 131 6.16 -11.26 5.56
N VAL A 132 6.57 -12.52 5.35
CA VAL A 132 6.37 -13.61 6.35
C VAL A 132 7.70 -14.32 6.52
N PRO A 133 7.86 -15.00 7.67
CA PRO A 133 9.07 -15.78 7.91
C PRO A 133 9.24 -16.98 6.95
N ASP A 134 8.12 -17.54 6.47
CA ASP A 134 8.14 -18.81 5.68
C ASP A 134 6.90 -18.85 4.83
N VAL A 135 7.04 -18.68 3.52
CA VAL A 135 5.86 -18.63 2.62
C VAL A 135 5.14 -19.97 2.65
N TYR A 136 5.87 -21.07 2.69
CA TYR A 136 5.23 -22.41 2.62
C TYR A 136 4.40 -22.66 3.87
N SER A 137 4.90 -22.36 5.06
CA SER A 137 4.11 -22.61 6.29
C SER A 137 2.94 -21.63 6.29
N ALA A 138 3.14 -20.39 5.86
CA ALA A 138 2.03 -19.42 5.86
C ALA A 138 0.93 -19.94 4.92
N CYS A 139 1.29 -20.41 3.73
CA CYS A 139 0.32 -20.87 2.72
C CYS A 139 -0.37 -22.18 3.17
N LYS A 140 0.33 -23.06 3.84
CA LYS A 140 -0.32 -24.30 4.36
C LYS A 140 -1.47 -23.89 5.32
N ARG A 141 -1.16 -22.95 6.23
CA ARG A 141 -2.21 -22.42 7.14
C ARG A 141 -3.31 -21.79 6.30
N PHE A 142 -3.00 -20.94 5.32
CA PHE A 142 -4.04 -20.30 4.48
C PHE A 142 -4.94 -21.35 3.84
N GLU A 143 -4.35 -22.43 3.32
CA GLU A 143 -5.14 -23.56 2.74
C GLU A 143 -6.05 -24.17 3.82
N GLU A 144 -5.57 -24.35 5.02
CA GLU A 144 -6.35 -24.90 6.16
C GLU A 144 -7.52 -23.95 6.47
N LEU A 145 -7.35 -22.63 6.25
CA LEU A 145 -8.39 -21.64 6.54
C LEU A 145 -9.28 -21.37 5.32
N GLY A 146 -9.16 -22.13 4.23
CA GLY A 146 -10.03 -22.00 3.08
C GLY A 146 -9.82 -20.69 2.31
N VAL A 147 -8.61 -20.14 2.37
CA VAL A 147 -8.28 -18.89 1.64
C VAL A 147 -8.32 -19.18 0.13
N LYS A 148 -8.86 -18.25 -0.65
CA LYS A 148 -8.80 -18.36 -2.12
C LYS A 148 -7.42 -17.92 -2.60
N PHE A 149 -6.74 -18.77 -3.40
CA PHE A 149 -5.42 -18.41 -3.96
C PHE A 149 -5.56 -17.91 -5.37
N VAL A 150 -4.74 -16.95 -5.72
CA VAL A 150 -4.49 -16.54 -7.12
C VAL A 150 -3.33 -17.37 -7.62
N LYS A 151 -2.26 -17.48 -6.83
CA LYS A 151 -1.04 -18.20 -7.23
C LYS A 151 -0.45 -18.89 -6.03
N LYS A 152 -0.30 -20.22 -6.11
CA LYS A 152 0.44 -20.95 -5.06
C LYS A 152 1.93 -20.77 -5.23
N PRO A 153 2.70 -20.91 -4.15
CA PRO A 153 4.12 -20.61 -4.20
C PRO A 153 4.88 -21.50 -5.18
N ASP A 154 4.41 -22.72 -5.41
CA ASP A 154 5.12 -23.68 -6.30
C ASP A 154 4.51 -23.68 -7.70
N ASP A 155 3.72 -22.66 -8.07
CA ASP A 155 3.19 -22.50 -9.45
C ASP A 155 3.73 -21.25 -10.12
N GLY A 156 3.85 -21.27 -11.46
CA GLY A 156 4.09 -20.06 -12.24
C GLY A 156 5.54 -19.61 -12.22
N LYS A 157 5.82 -18.44 -12.77
CA LYS A 157 7.23 -18.03 -13.09
C LYS A 157 7.99 -17.77 -11.78
N MET A 158 7.38 -17.02 -10.87
CA MET A 158 8.03 -16.55 -9.62
C MET A 158 7.78 -17.59 -8.53
N LYS A 159 8.61 -18.60 -8.42
CA LYS A 159 8.45 -19.67 -7.43
C LYS A 159 8.85 -19.16 -6.04
N GLY A 160 8.11 -19.51 -4.99
CA GLY A 160 8.49 -19.11 -3.61
C GLY A 160 7.71 -17.88 -3.15
N LEU A 161 6.94 -17.31 -4.05
CA LEU A 161 6.06 -16.14 -3.84
C LEU A 161 4.61 -16.60 -4.05
N ALA A 162 3.67 -16.20 -3.19
CA ALA A 162 2.24 -16.56 -3.39
C ALA A 162 1.40 -15.29 -3.54
N PHE A 163 0.24 -15.45 -4.16
CA PHE A 163 -0.81 -14.43 -4.12
C PHE A 163 -2.08 -15.08 -3.63
N ILE A 164 -2.70 -14.46 -2.64
CA ILE A 164 -4.04 -14.84 -2.15
C ILE A 164 -5.00 -13.70 -2.44
N GLN A 165 -6.28 -13.93 -2.27
CA GLN A 165 -7.21 -12.80 -2.40
C GLN A 165 -8.02 -12.62 -1.14
N ASP A 166 -8.38 -11.37 -0.90
CA ASP A 166 -9.20 -11.03 0.28
C ASP A 166 -10.67 -11.20 -0.11
N PRO A 167 -11.60 -10.92 0.81
CA PRO A 167 -13.04 -11.14 0.48
C PRO A 167 -13.58 -10.27 -0.65
N ASP A 168 -12.92 -9.17 -1.02
CA ASP A 168 -13.33 -8.34 -2.17
C ASP A 168 -12.62 -8.73 -3.46
N GLY A 169 -11.67 -9.65 -3.40
CA GLY A 169 -10.89 -10.07 -4.54
C GLY A 169 -9.60 -9.28 -4.71
N TYR A 170 -9.26 -8.39 -3.77
CA TYR A 170 -7.94 -7.72 -3.82
C TYR A 170 -6.86 -8.78 -3.67
N TRP A 171 -5.79 -8.63 -4.46
CA TRP A 171 -4.63 -9.55 -4.42
C TRP A 171 -3.71 -9.15 -3.26
N ILE A 172 -3.24 -10.16 -2.57
CA ILE A 172 -2.25 -9.98 -1.47
C ILE A 172 -1.07 -10.89 -1.75
N GLU A 173 0.09 -10.27 -1.98
CA GLU A 173 1.34 -11.05 -2.14
C GLU A 173 1.78 -11.56 -0.77
N ILE A 174 2.33 -12.77 -0.74
CA ILE A 174 2.93 -13.40 0.44
C ILE A 174 4.37 -13.69 0.05
N LEU A 175 5.31 -13.00 0.69
CA LEU A 175 6.72 -13.07 0.27
C LEU A 175 7.62 -13.28 1.46
N ASN A 176 8.75 -13.93 1.24
CA ASN A 176 9.81 -14.10 2.26
C ASN A 176 11.00 -13.31 1.77
N PRO A 177 11.37 -12.22 2.47
CA PRO A 177 12.44 -11.34 2.01
C PRO A 177 13.77 -12.06 1.73
N ASN A 178 14.03 -13.15 2.46
CA ASN A 178 15.29 -13.91 2.33
C ASN A 178 15.26 -14.82 1.10
N LYS A 179 14.14 -15.00 0.42
CA LYS A 179 14.03 -15.77 -0.83
C LYS A 179 14.02 -14.85 -2.05
N MET A 180 14.00 -13.52 -1.87
CA MET A 180 13.80 -12.61 -3.03
C MET A 180 15.08 -12.43 -3.88
N ALA A 181 16.29 -12.69 -3.38
CA ALA A 181 17.51 -12.60 -4.23
C ALA A 181 17.45 -13.64 -5.36
N THR A 182 17.08 -14.88 -5.03
CA THR A 182 17.02 -15.96 -6.03
C THR A 182 15.88 -15.66 -7.01
N LEU A 183 14.79 -15.12 -6.52
CA LEU A 183 13.63 -14.80 -7.36
C LEU A 183 13.96 -13.62 -8.29
N MET A 184 14.72 -12.63 -7.82
CA MET A 184 14.74 -11.27 -8.45
C MET A 184 16.12 -10.86 -8.96
N LEU A 185 17.21 -11.50 -8.49
CA LEU A 185 18.60 -11.08 -8.79
C LEU A 185 19.38 -12.16 -9.55
N GLU A 186 18.86 -13.40 -9.66
CA GLU A 186 19.58 -14.47 -10.41
C GLU A 186 19.48 -14.25 -11.93
N HIS A 187 20.50 -14.74 -12.67
CA HIS A 187 20.58 -14.75 -14.15
C HIS A 187 19.47 -15.63 -14.72
N HIS A 188 18.59 -15.09 -15.57
CA HIS A 188 17.47 -15.88 -16.17
C HIS A 188 17.86 -16.35 -17.59
N HIS A 189 17.70 -17.65 -17.85
CA HIS A 189 17.79 -18.27 -19.20
C HIS A 189 16.80 -17.58 -20.14
N HIS A 190 17.23 -17.28 -21.37
CA HIS A 190 16.37 -17.25 -22.57
C HIS A 190 16.00 -18.71 -22.93
N HIS A 191 14.82 -18.96 -23.47
CA HIS A 191 14.45 -20.29 -24.04
C HIS A 191 15.47 -20.62 -25.14
N GLY B 9 -27.60 1.80 8.72
CA GLY B 9 -26.63 0.95 8.02
C GLY B 9 -25.25 1.14 8.64
N GLY B 10 -24.26 0.41 8.20
CA GLY B 10 -22.96 0.56 8.88
C GLY B 10 -22.91 -0.31 10.11
N LEU B 11 -21.74 -0.85 10.41
CA LEU B 11 -21.56 -1.74 11.55
C LEU B 11 -21.54 -0.92 12.84
N THR B 12 -22.17 -1.44 13.89
CA THR B 12 -21.97 -0.94 15.25
C THR B 12 -20.53 -1.20 15.68
N ASP B 13 -20.07 -0.45 16.65
CA ASP B 13 -18.77 -0.75 17.29
C ASP B 13 -18.77 -2.19 17.82
N GLU B 14 -19.88 -2.65 18.42
CA GLU B 14 -19.91 -4.00 18.99
C GLU B 14 -19.81 -5.02 17.86
N ALA B 15 -20.48 -4.82 16.76
CA ALA B 15 -20.49 -5.78 15.62
C ALA B 15 -19.06 -5.85 15.06
N ALA B 16 -18.40 -4.71 14.93
CA ALA B 16 -17.00 -4.74 14.41
C ALA B 16 -16.14 -5.58 15.36
N LEU B 17 -16.23 -5.39 16.67
CA LEU B 17 -15.40 -6.16 17.63
C LEU B 17 -15.77 -7.65 17.55
N SER B 18 -17.05 -7.97 17.33
CA SER B 18 -17.52 -9.38 17.27
C SER B 18 -16.90 -10.13 16.07
N CYS B 19 -16.40 -9.40 15.07
CA CYS B 19 -15.80 -9.91 13.81
C CYS B 19 -14.30 -10.07 13.99
N CYS B 20 -13.69 -9.51 15.04
CA CYS B 20 -12.21 -9.44 15.16
C CYS B 20 -11.73 -10.64 15.97
N SER B 21 -10.68 -11.29 15.51
CA SER B 21 -9.93 -12.29 16.29
C SER B 21 -8.57 -11.72 16.70
N ASP B 22 -8.09 -12.11 17.86
CA ASP B 22 -6.73 -11.65 18.28
C ASP B 22 -5.69 -12.36 17.40
N ALA B 23 -4.52 -11.76 17.22
CA ALA B 23 -3.46 -12.30 16.32
C ALA B 23 -2.93 -13.71 16.76
N ASP B 24 -3.04 -14.77 15.91
CA ASP B 24 -2.46 -16.17 16.11
C ASP B 24 -0.93 -16.04 16.24
N PRO B 25 -0.22 -16.76 17.13
CA PRO B 25 1.24 -16.71 17.11
C PRO B 25 1.82 -17.12 15.74
N SER B 26 1.05 -17.81 14.88
CA SER B 26 1.64 -18.22 13.58
C SER B 26 1.78 -16.97 12.71
N THR B 27 1.06 -15.88 13.04
CA THR B 27 1.26 -14.63 12.25
C THR B 27 2.25 -13.64 12.89
N LYS B 28 3.00 -13.96 13.97
CA LYS B 28 3.47 -12.88 14.89
C LYS B 28 4.51 -11.92 14.26
N ASP B 29 5.23 -12.40 13.24
CA ASP B 29 6.28 -11.59 12.57
C ASP B 29 5.84 -11.17 11.18
N PHE B 30 4.56 -11.33 10.85
CA PHE B 30 4.03 -10.79 9.56
C PHE B 30 4.11 -9.25 9.59
N LEU B 31 4.40 -8.64 8.45
CA LEU B 31 4.40 -7.18 8.34
C LEU B 31 3.81 -6.77 6.98
N LEU B 32 3.23 -5.59 6.95
CA LEU B 32 2.62 -5.05 5.74
C LEU B 32 3.72 -4.33 4.96
N GLN B 33 4.27 -5.04 3.98
CA GLN B 33 5.54 -4.66 3.33
C GLN B 33 5.37 -3.71 2.18
N GLN B 34 4.32 -3.87 1.35
CA GLN B 34 4.26 -3.12 0.08
C GLN B 34 2.82 -2.86 -0.34
N THR B 35 2.70 -1.79 -1.13
CA THR B 35 1.56 -1.48 -1.98
C THR B 35 2.09 -1.33 -3.40
N MET B 36 1.49 -2.06 -4.34
CA MET B 36 1.98 -2.02 -5.74
C MET B 36 1.05 -1.17 -6.60
N LEU B 37 1.67 -0.23 -7.32
CA LEU B 37 0.98 0.66 -8.29
C LEU B 37 1.74 0.55 -9.60
N ARG B 38 0.99 0.46 -10.69
CA ARG B 38 1.60 0.51 -12.03
C ARG B 38 1.86 1.97 -12.42
N VAL B 39 3.01 2.25 -13.03
CA VAL B 39 3.40 3.62 -13.42
C VAL B 39 3.76 3.66 -14.91
N LYS B 40 3.20 4.64 -15.58
CA LYS B 40 3.39 4.81 -17.05
C LYS B 40 4.84 5.17 -17.37
N ASP B 41 5.48 6.03 -16.57
CA ASP B 41 6.79 6.61 -16.93
C ASP B 41 7.63 6.64 -15.67
N PRO B 42 8.57 5.72 -15.53
CA PRO B 42 9.35 5.65 -14.29
C PRO B 42 10.25 6.88 -14.07
N LYS B 43 10.60 7.58 -15.15
CA LYS B 43 11.44 8.79 -14.99
C LYS B 43 10.66 9.83 -14.19
N LYS B 44 9.40 10.05 -14.56
CA LYS B 44 8.52 11.00 -13.86
C LYS B 44 8.20 10.49 -12.46
N SER B 45 7.93 9.20 -12.32
CA SER B 45 7.55 8.64 -11.00
C SER B 45 8.74 8.72 -10.06
N LEU B 46 9.94 8.36 -10.50
CA LEU B 46 11.13 8.42 -9.58
C LEU B 46 11.38 9.86 -9.16
N ASP B 47 11.29 10.81 -10.07
CA ASP B 47 11.54 12.23 -9.72
C ASP B 47 10.48 12.65 -8.69
N PHE B 48 9.23 12.31 -8.92
CA PHE B 48 8.13 12.75 -8.02
C PHE B 48 8.32 12.13 -6.62
N TYR B 49 8.49 10.82 -6.56
CA TYR B 49 8.50 10.14 -5.25
C TYR B 49 9.75 10.52 -4.47
N THR B 50 10.88 10.77 -5.14
CA THR B 50 12.14 11.11 -4.44
C THR B 50 12.23 12.62 -4.18
N ARG B 51 12.22 13.41 -5.24
CA ARG B 51 12.44 14.87 -5.13
C ARG B 51 11.27 15.56 -4.45
N VAL B 52 10.04 15.24 -4.84
CA VAL B 52 8.87 15.93 -4.27
C VAL B 52 8.52 15.31 -2.92
N LEU B 53 8.35 13.99 -2.84
CA LEU B 53 7.84 13.38 -1.60
C LEU B 53 8.95 12.97 -0.62
N GLY B 54 10.19 12.89 -1.06
CA GLY B 54 11.30 12.59 -0.14
C GLY B 54 11.49 11.11 0.17
N MET B 55 10.90 10.22 -0.64
CA MET B 55 11.17 8.79 -0.51
C MET B 55 12.54 8.49 -1.14
N THR B 56 13.04 7.31 -0.85
CA THR B 56 14.34 6.78 -1.29
C THR B 56 14.05 5.56 -2.19
N LEU B 57 14.74 5.46 -3.31
CA LEU B 57 14.74 4.22 -4.13
C LEU B 57 15.64 3.21 -3.43
N ILE B 58 15.04 2.14 -2.89
CA ILE B 58 15.80 1.16 -2.06
C ILE B 58 16.11 -0.11 -2.86
N GLN B 59 15.40 -0.38 -3.96
CA GLN B 59 15.69 -1.60 -4.75
C GLN B 59 15.06 -1.42 -6.13
N LYS B 60 15.79 -1.81 -7.16
CA LYS B 60 15.27 -1.92 -8.55
C LYS B 60 15.45 -3.35 -9.05
N CYS B 61 14.42 -3.90 -9.66
CA CYS B 61 14.46 -5.27 -10.22
C CYS B 61 14.00 -5.23 -11.68
N ASP B 62 14.70 -5.95 -12.57
CA ASP B 62 14.31 -5.93 -14.00
C ASP B 62 14.02 -7.36 -14.42
N PHE B 63 12.97 -7.51 -15.22
CA PHE B 63 12.53 -8.82 -15.75
C PHE B 63 12.56 -8.69 -17.27
N PRO B 64 13.74 -8.91 -17.88
CA PRO B 64 13.97 -8.54 -19.28
C PRO B 64 13.14 -9.37 -20.27
N ILE B 65 12.77 -10.58 -19.94
CA ILE B 65 11.93 -11.41 -20.86
C ILE B 65 10.47 -10.98 -20.77
N MET B 66 9.94 -10.75 -19.55
CA MET B 66 8.54 -10.27 -19.36
C MET B 66 8.39 -8.75 -19.56
N LYS B 67 9.49 -8.01 -19.74
CA LYS B 67 9.53 -6.58 -20.13
C LYS B 67 8.83 -5.75 -19.04
N PHE B 68 9.27 -5.91 -17.80
CA PHE B 68 8.84 -4.94 -16.76
C PHE B 68 9.97 -4.74 -15.77
N SER B 69 9.90 -3.63 -15.04
CA SER B 69 10.82 -3.30 -13.94
C SER B 69 9.97 -3.03 -12.69
N LEU B 70 10.58 -3.25 -11.53
CA LEU B 70 10.00 -2.91 -10.21
C LEU B 70 10.92 -1.90 -9.55
N TYR B 71 10.31 -0.88 -8.99
CA TYR B 71 11.03 0.17 -8.23
C TYR B 71 10.41 0.17 -6.84
N PHE B 72 11.22 -0.07 -5.82
CA PHE B 72 10.73 -0.04 -4.42
C PHE B 72 11.17 1.28 -3.79
N LEU B 73 10.19 2.06 -3.40
CA LEU B 73 10.34 3.40 -2.81
C LEU B 73 9.91 3.31 -1.35
N ALA B 74 10.66 3.96 -0.45
CA ALA B 74 10.35 3.91 0.99
C ALA B 74 10.92 5.14 1.67
N TYR B 75 10.39 5.46 2.84
CA TYR B 75 11.00 6.49 3.72
C TYR B 75 12.08 5.78 4.51
N GLU B 76 13.27 5.74 3.94
CA GLU B 76 14.45 5.09 4.55
C GLU B 76 15.64 6.01 4.27
N ASP B 77 16.58 6.04 5.19
CA ASP B 77 17.83 6.78 4.97
C ASP B 77 18.70 5.99 4.00
N LYS B 78 19.17 6.64 2.93
CA LYS B 78 19.98 5.97 1.90
C LYS B 78 21.19 5.31 2.55
N ASN B 79 21.71 5.85 3.66
CA ASN B 79 22.92 5.26 4.31
C ASN B 79 22.62 3.92 4.95
N ASP B 80 21.35 3.58 5.12
CA ASP B 80 20.94 2.28 5.74
C ASP B 80 20.83 1.20 4.65
N ILE B 81 20.95 1.52 3.37
CA ILE B 81 20.85 0.55 2.25
C ILE B 81 22.13 -0.30 2.28
N PRO B 82 22.06 -1.62 2.50
CA PRO B 82 23.26 -2.46 2.38
C PRO B 82 23.91 -2.36 1.02
N LYS B 83 25.25 -2.47 0.99
CA LYS B 83 26.00 -2.39 -0.28
C LYS B 83 25.99 -3.73 -1.02
N GLU B 84 25.97 -4.87 -0.35
CA GLU B 84 26.01 -6.17 -1.07
C GLU B 84 24.61 -6.49 -1.61
N LYS B 85 24.47 -6.89 -2.85
CA LYS B 85 23.15 -7.00 -3.54
C LYS B 85 22.21 -7.99 -2.82
N ASP B 86 22.68 -9.15 -2.37
CA ASP B 86 21.74 -10.12 -1.73
C ASP B 86 21.25 -9.58 -0.37
N GLU B 87 22.12 -9.00 0.46
CA GLU B 87 21.72 -8.38 1.71
C GLU B 87 20.79 -7.18 1.45
N LYS B 88 21.07 -6.43 0.38
CA LYS B 88 20.28 -5.22 0.09
C LYS B 88 18.83 -5.63 -0.23
N ILE B 89 18.64 -6.66 -1.05
CA ILE B 89 17.26 -7.05 -1.44
C ILE B 89 16.52 -7.62 -0.23
N ALA B 90 17.18 -8.37 0.65
CA ALA B 90 16.54 -8.96 1.85
C ALA B 90 16.16 -7.82 2.80
N TRP B 91 17.00 -6.80 2.91
CA TRP B 91 16.71 -5.58 3.70
C TRP B 91 15.54 -4.84 3.04
N ALA B 92 15.60 -4.56 1.75
CA ALA B 92 14.57 -3.71 1.11
C ALA B 92 13.19 -4.35 1.25
N LEU B 93 13.13 -5.66 1.01
CA LEU B 93 11.85 -6.39 0.94
C LEU B 93 11.41 -6.83 2.33
N SER B 94 12.10 -6.44 3.40
CA SER B 94 11.65 -6.62 4.79
C SER B 94 11.36 -5.27 5.45
N ARG B 95 11.40 -4.16 4.69
CA ARG B 95 10.97 -2.86 5.24
C ARG B 95 9.45 -2.85 5.26
N LYS B 96 8.86 -2.30 6.34
CA LYS B 96 7.44 -1.93 6.34
C LYS B 96 7.21 -0.76 5.39
N ALA B 97 6.00 -0.68 4.85
CA ALA B 97 5.45 0.56 4.25
C ALA B 97 6.28 0.96 3.03
N THR B 98 6.51 0.04 2.11
CA THR B 98 7.17 0.41 0.85
C THR B 98 6.11 0.55 -0.25
N LEU B 99 6.48 1.27 -1.31
CA LEU B 99 5.69 1.34 -2.55
C LEU B 99 6.45 0.56 -3.62
N GLU B 100 5.77 -0.35 -4.29
CA GLU B 100 6.34 -1.13 -5.41
C GLU B 100 5.77 -0.53 -6.68
N LEU B 101 6.57 0.18 -7.45
CA LEU B 101 6.07 0.82 -8.69
C LEU B 101 6.46 -0.10 -9.83
N THR B 102 5.46 -0.51 -10.61
CA THR B 102 5.66 -1.47 -11.71
C THR B 102 5.68 -0.70 -13.02
N HIS B 103 6.78 -0.78 -13.75
CA HIS B 103 6.92 -0.21 -15.10
C HIS B 103 6.85 -1.32 -16.14
N ASN B 104 5.75 -1.34 -16.87
CA ASN B 104 5.60 -2.23 -18.06
C ASN B 104 6.30 -1.50 -19.20
N TRP B 105 7.38 -2.06 -19.73
CA TRP B 105 8.22 -1.31 -20.69
C TRP B 105 7.39 -0.85 -21.88
N GLY B 106 7.65 0.39 -22.30
CA GLY B 106 7.05 1.02 -23.48
C GLY B 106 5.82 1.84 -23.20
N THR B 107 5.21 1.80 -22.00
CA THR B 107 3.98 2.58 -21.76
C THR B 107 4.28 4.07 -21.92
N GLU B 108 5.50 4.51 -21.62
CA GLU B 108 5.82 5.94 -21.58
C GLU B 108 5.83 6.49 -23.03
N ASP B 109 5.90 5.59 -24.01
CA ASP B 109 5.95 6.02 -25.44
C ASP B 109 4.56 5.89 -26.09
N ASP B 110 3.55 5.45 -25.35
CA ASP B 110 2.21 5.14 -25.89
C ASP B 110 1.25 6.26 -25.49
N GLU B 111 0.97 7.19 -26.41
CA GLU B 111 0.15 8.38 -26.13
C GLU B 111 -1.27 7.97 -25.73
N THR B 112 -1.74 6.78 -26.11
CA THR B 112 -3.12 6.30 -25.85
C THR B 112 -3.21 5.55 -24.50
N GLN B 113 -2.10 5.36 -23.79
CA GLN B 113 -2.04 4.46 -22.60
C GLN B 113 -2.13 5.33 -21.33
N SER B 114 -2.91 4.88 -20.36
CA SER B 114 -2.84 5.45 -19.00
C SER B 114 -3.42 4.43 -18.03
N TYR B 115 -2.97 4.50 -16.79
CA TYR B 115 -3.55 3.65 -15.72
C TYR B 115 -4.72 4.36 -15.06
N HIS B 116 -5.49 3.58 -14.32
CA HIS B 116 -6.73 3.97 -13.64
C HIS B 116 -6.47 4.14 -12.15
N ASN B 117 -6.96 5.22 -11.57
CA ASN B 117 -6.57 5.54 -10.16
C ASN B 117 -7.53 4.90 -9.13
N GLY B 118 -8.58 4.21 -9.55
CA GLY B 118 -9.52 3.56 -8.64
C GLY B 118 -10.63 4.45 -8.13
N ASN B 119 -10.66 5.76 -8.45
CA ASN B 119 -11.59 6.74 -7.85
C ASN B 119 -12.73 7.13 -8.81
N SER B 120 -12.76 6.51 -9.95
CA SER B 120 -13.95 6.57 -10.85
C SER B 120 -14.31 5.15 -11.22
N ASP B 121 -15.54 4.94 -11.71
CA ASP B 121 -15.98 3.58 -12.05
C ASP B 121 -14.99 2.95 -13.00
N PRO B 122 -14.58 1.68 -12.78
CA PRO B 122 -14.96 0.87 -11.62
C PRO B 122 -13.98 1.12 -10.46
N ARG B 123 -14.52 1.40 -9.28
CA ARG B 123 -13.68 1.79 -8.13
C ARG B 123 -13.14 0.55 -7.38
N GLY B 124 -12.07 0.76 -6.61
CA GLY B 124 -11.60 -0.23 -5.64
C GLY B 124 -10.61 0.40 -4.69
N PHE B 125 -9.34 0.31 -5.06
CA PHE B 125 -8.26 1.08 -4.42
C PHE B 125 -8.65 2.55 -4.48
N GLY B 126 -8.34 3.29 -3.42
CA GLY B 126 -8.61 4.74 -3.34
C GLY B 126 -7.34 5.56 -3.37
N HIS B 127 -6.41 5.30 -2.47
CA HIS B 127 -5.27 6.21 -2.27
C HIS B 127 -4.23 5.56 -1.39
N ILE B 128 -3.02 6.08 -1.46
CA ILE B 128 -2.07 5.94 -0.34
C ILE B 128 -2.14 7.22 0.49
N GLY B 129 -1.50 7.23 1.65
CA GLY B 129 -1.56 8.40 2.52
C GLY B 129 -0.27 8.54 3.28
N ILE B 130 0.19 9.77 3.38
CA ILE B 130 1.47 10.17 4.02
C ILE B 130 1.11 11.02 5.23
N ALA B 131 1.63 10.64 6.39
CA ALA B 131 1.55 11.43 7.62
C ALA B 131 2.71 12.41 7.67
N VAL B 132 2.38 13.66 7.95
CA VAL B 132 3.36 14.78 8.00
C VAL B 132 3.15 15.54 9.29
N PRO B 133 4.21 16.24 9.75
CA PRO B 133 4.06 17.09 10.93
C PRO B 133 3.16 18.31 10.73
N ASP B 134 3.00 18.80 9.49
CA ASP B 134 2.27 20.07 9.22
C ASP B 134 1.72 19.98 7.80
N VAL B 135 0.41 19.81 7.66
CA VAL B 135 -0.23 19.63 6.33
C VAL B 135 -0.03 20.94 5.54
N TYR B 136 -0.10 22.08 6.22
CA TYR B 136 -0.08 23.38 5.52
C TYR B 136 1.32 23.62 4.96
N SER B 137 2.38 23.43 5.71
CA SER B 137 3.73 23.68 5.21
C SER B 137 4.08 22.62 4.17
N ALA B 138 3.65 21.37 4.38
CA ALA B 138 3.93 20.34 3.36
C ALA B 138 3.28 20.75 2.04
N CYS B 139 2.02 21.16 2.08
CA CYS B 139 1.24 21.48 0.88
C CYS B 139 1.74 22.78 0.25
N LYS B 140 2.24 23.75 1.02
CA LYS B 140 2.83 24.98 0.42
C LYS B 140 4.01 24.57 -0.44
N ARG B 141 4.87 23.72 0.08
CA ARG B 141 6.02 23.23 -0.70
C ARG B 141 5.52 22.47 -1.93
N PHE B 142 4.56 21.57 -1.80
CA PHE B 142 4.02 20.83 -2.96
C PHE B 142 3.54 21.83 -4.02
N GLU B 143 2.81 22.84 -3.59
CA GLU B 143 2.31 23.89 -4.52
C GLU B 143 3.49 24.59 -5.19
N GLU B 144 4.56 24.90 -4.45
CA GLU B 144 5.73 25.62 -5.03
C GLU B 144 6.35 24.74 -6.12
N LEU B 145 6.32 23.41 -5.93
CA LEU B 145 6.93 22.47 -6.89
C LEU B 145 5.96 22.05 -8.02
N GLY B 146 4.75 22.57 -8.05
CA GLY B 146 3.83 22.35 -9.18
C GLY B 146 3.07 21.03 -9.07
N VAL B 147 2.93 20.52 -7.85
CA VAL B 147 2.10 19.30 -7.62
C VAL B 147 0.65 19.64 -7.91
N LYS B 148 -0.05 18.72 -8.59
CA LYS B 148 -1.50 18.84 -8.85
C LYS B 148 -2.26 18.36 -7.62
N PHE B 149 -3.20 19.15 -7.15
CA PHE B 149 -4.06 18.83 -5.99
C PHE B 149 -5.41 18.32 -6.43
N VAL B 150 -5.87 17.29 -5.74
CA VAL B 150 -7.28 16.83 -5.73
C VAL B 150 -8.07 17.66 -4.72
N LYS B 151 -7.48 17.91 -3.56
CA LYS B 151 -8.13 18.65 -2.48
C LYS B 151 -7.07 19.43 -1.74
N LYS B 152 -7.10 20.76 -1.82
CA LYS B 152 -6.23 21.60 -1.00
C LYS B 152 -6.67 21.48 0.46
N PRO B 153 -5.77 21.74 1.42
CA PRO B 153 -6.07 21.52 2.83
C PRO B 153 -7.37 22.16 3.32
N ASP B 154 -7.70 23.38 2.88
CA ASP B 154 -8.93 24.05 3.39
C ASP B 154 -10.10 23.96 2.40
N ASP B 155 -9.95 23.25 1.28
CA ASP B 155 -11.08 23.06 0.35
C ASP B 155 -12.00 21.94 0.86
N GLY B 156 -13.33 22.12 0.76
CA GLY B 156 -14.31 21.09 1.13
C GLY B 156 -14.51 20.99 2.63
N LYS B 157 -15.16 19.92 3.06
CA LYS B 157 -15.74 19.79 4.41
C LYS B 157 -14.61 19.68 5.44
N MET B 158 -13.66 18.77 5.19
CA MET B 158 -12.63 18.37 6.17
C MET B 158 -11.43 19.31 6.03
N LYS B 159 -11.35 20.32 6.88
CA LYS B 159 -10.26 21.32 6.83
C LYS B 159 -8.99 20.68 7.39
N GLY B 160 -7.82 20.95 6.82
CA GLY B 160 -6.52 20.55 7.39
C GLY B 160 -6.08 19.15 6.90
N LEU B 161 -6.76 18.65 5.89
CA LEU B 161 -6.49 17.35 5.22
C LEU B 161 -6.34 17.60 3.72
N ALA B 162 -5.33 17.07 3.04
CA ALA B 162 -5.19 17.32 1.59
C ALA B 162 -5.12 16.02 0.82
N PHE B 163 -5.42 16.09 -0.46
CA PHE B 163 -5.14 15.02 -1.43
C PHE B 163 -4.35 15.63 -2.57
N ILE B 164 -3.20 15.03 -2.89
CA ILE B 164 -2.46 15.38 -4.13
C ILE B 164 -2.57 14.22 -5.12
N GLN B 165 -2.06 14.41 -6.33
CA GLN B 165 -1.95 13.26 -7.24
C GLN B 165 -0.52 13.12 -7.72
N ASP B 166 -0.13 11.87 -7.97
CA ASP B 166 1.19 11.57 -8.53
C ASP B 166 1.11 11.67 -10.05
N PRO B 167 2.23 11.40 -10.75
CA PRO B 167 2.27 11.57 -12.21
C PRO B 167 1.29 10.67 -12.98
N ASP B 168 0.82 9.56 -12.38
CA ASP B 168 -0.18 8.68 -13.00
C ASP B 168 -1.61 9.04 -12.59
N GLY B 169 -1.79 10.01 -11.70
CA GLY B 169 -3.11 10.41 -11.21
C GLY B 169 -3.53 9.64 -9.98
N TYR B 170 -2.64 8.81 -9.38
CA TYR B 170 -2.97 8.15 -8.11
C TYR B 170 -3.12 9.24 -7.05
N TRP B 171 -4.15 9.10 -6.23
CA TRP B 171 -4.40 10.02 -5.11
C TRP B 171 -3.48 9.68 -3.92
N ILE B 172 -2.96 10.73 -3.31
CA ILE B 172 -2.11 10.62 -2.09
C ILE B 172 -2.68 11.54 -1.03
N GLU B 173 -3.16 10.99 0.07
CA GLU B 173 -3.68 11.78 1.20
C GLU B 173 -2.48 12.35 1.94
N ILE B 174 -2.59 13.59 2.40
CA ILE B 174 -1.57 14.26 3.23
C ILE B 174 -2.28 14.62 4.53
N LEU B 175 -1.89 14.01 5.64
CA LEU B 175 -2.65 14.13 6.89
C LEU B 175 -1.69 14.38 8.05
N ASN B 176 -2.17 15.10 9.07
CA ASN B 176 -1.39 15.32 10.29
C ASN B 176 -2.10 14.60 11.43
N PRO B 177 -1.56 13.47 11.90
CA PRO B 177 -2.30 12.62 12.84
C PRO B 177 -2.71 13.36 14.11
N ASN B 178 -1.93 14.38 14.49
CA ASN B 178 -2.17 15.18 15.72
C ASN B 178 -3.33 16.15 15.54
N LYS B 179 -3.88 16.33 14.34
CA LYS B 179 -5.03 17.23 14.06
C LYS B 179 -6.28 16.44 13.67
N MET B 180 -6.21 15.12 13.59
CA MET B 180 -7.29 14.32 12.96
C MET B 180 -8.48 14.10 13.93
N ALA B 181 -8.32 14.23 15.25
CA ALA B 181 -9.43 14.02 16.22
C ALA B 181 -10.57 14.99 15.89
N THR B 182 -10.22 16.27 15.69
CA THR B 182 -11.09 17.31 15.08
C THR B 182 -11.64 16.78 13.75
ZN ZN C . 4.58 -7.16 -5.12
C1 GOL D . 6.64 -9.44 -8.19
O1 GOL D . 5.56 -10.01 -8.95
C2 GOL D . 6.16 -8.94 -6.84
O2 GOL D . 5.23 -7.89 -7.03
C3 GOL D . 7.29 -8.49 -5.95
O3 GOL D . 6.80 -8.00 -4.70
C1 GOL E . 9.49 -11.72 7.94
O1 GOL E . 8.31 -12.09 8.63
C2 GOL E . 9.81 -10.29 8.29
O2 GOL E . 9.80 -10.16 9.71
C3 GOL E . 11.14 -9.85 7.72
O3 GOL E . 12.14 -10.83 7.92
C1 GOL F . -10.49 0.35 17.40
O1 GOL F . -10.00 -0.53 18.42
C2 GOL F . -12.00 0.36 17.26
O2 GOL F . -12.55 -0.76 17.94
C3 GOL F . -12.70 1.63 17.75
O3 GOL F . -12.21 2.85 17.16
B BO3 G . -8.63 -6.11 17.69
O1 BO3 G . -8.09 -6.76 18.75
O2 BO3 G . -9.44 -5.05 17.95
O3 BO3 G . -8.35 -6.45 16.39
B BO3 H . -15.47 6.57 -1.20
O1 BO3 H . -15.85 5.35 -1.63
O2 BO3 H . -14.34 7.08 -1.78
O3 BO3 H . -16.19 7.30 -0.29
N1 IMD I . 12.66 9.97 5.84
C2 IMD I . 11.37 10.45 5.93
N3 IMD I . 10.80 9.80 6.89
C4 IMD I . 11.70 8.89 7.43
C5 IMD I . 12.88 9.10 6.85
C1 BME J . 4.82 0.49 17.11
C2 BME J . 5.58 0.48 15.85
O1 BME J . 3.60 1.24 17.22
S2 BME J . 4.53 0.51 14.38
C1 BME K . 4.80 3.87 13.96
C2 BME K . 5.73 4.95 13.60
O1 BME K . 4.76 2.85 13.00
S2 BME K . 7.34 4.19 13.26
ZN ZN L . -7.23 7.85 3.74
C1 GOL M . 18.26 0.73 -5.67
O1 GOL M . 19.06 1.59 -4.86
C2 GOL M . 18.72 0.67 -7.11
O2 GOL M . 19.66 1.69 -7.40
C3 GOL M . 19.35 -0.66 -7.50
O3 GOL M . 18.66 -1.77 -6.92
B BO3 N . 2.11 -6.12 -14.29
O1 BO3 N . 3.34 -6.52 -14.75
O2 BO3 N . 1.46 -6.76 -13.27
O3 BO3 N . 1.45 -5.06 -14.85
#